data_5XXE
#
_entry.id   5XXE
#
_cell.length_a   95.641
_cell.length_b   97.640
_cell.length_c   107.262
_cell.angle_alpha   90.000
_cell.angle_beta   90.000
_cell.angle_gamma   90.000
#
_symmetry.space_group_name_H-M   'P 21 21 21'
#
loop_
_entity.id
_entity.type
_entity.pdbx_description
1 polymer 'Protection of telomeres protein poz1'
2 polymer 'Protection of telomeres protein tpz1'
3 non-polymer 'SULFATE ION'
4 non-polymer 'ZINC ION'
5 water water
#
loop_
_entity_poly.entity_id
_entity_poly.type
_entity_poly.pdbx_seq_one_letter_code
_entity_poly.pdbx_strand_id
1 'polypeptide(L)'
;GSNEKIRSQSVLNTLETFFIKENHYD(MSE)QREESSIVNACLRYLGYSKS(MSE)CHEK(MSE)PIF(MSE)DIAFIEY
CFNLSLDPSSFQNLPITQTQPDSQQILWEYSLISNALERLENIELERQNC(MSE)REDGLVKYTNELLLNKETLNNEALK
LYSCAKAGICRW(MSE)AFHFLEQEPIDHINFTKFLQDWGSHNEKE(MSE)EALQRLSKHKIRKRLIYVSQHKKK(MSE)
PWSKFNSVLSRYIQCTKLQLEVFCDYDFKQREIVK(MSE)LTSNIN
;
A,B
2 'polypeptide(L)' EACE(MSE)CRLGLPHGSFFELLRDWKKIEEFRNKS C,D
#
loop_
_chem_comp.id
_chem_comp.type
_chem_comp.name
_chem_comp.formula
SO4 non-polymer 'SULFATE ION' 'O4 S -2'
ZN non-polymer 'ZINC ION' 'Zn 2'
#
# COMPACT_ATOMS: atom_id res chain seq x y z
N GLY A 1 -8.00 -5.77 -16.80
CA GLY A 1 -7.94 -7.26 -16.85
C GLY A 1 -6.78 -7.85 -16.06
N SER A 2 -5.64 -8.03 -16.74
CA SER A 2 -4.43 -8.61 -16.13
C SER A 2 -3.35 -7.60 -15.73
N ASN A 3 -3.62 -6.30 -15.90
CA ASN A 3 -2.83 -5.25 -15.23
C ASN A 3 -3.27 -5.20 -13.76
N GLU A 4 -4.57 -5.35 -13.56
CA GLU A 4 -5.16 -5.58 -12.23
C GLU A 4 -4.57 -6.80 -11.49
N LYS A 5 -4.26 -7.88 -12.22
CA LYS A 5 -3.49 -9.02 -11.67
C LYS A 5 -2.11 -8.60 -11.17
N ILE A 6 -1.40 -7.88 -12.03
CA ILE A 6 -0.04 -7.42 -11.72
C ILE A 6 -0.05 -6.44 -10.55
N ARG A 7 -1.03 -5.55 -10.49
CA ARG A 7 -1.18 -4.65 -9.36
C ARG A 7 -1.44 -5.43 -8.07
N SER A 8 -2.44 -6.30 -8.12
CA SER A 8 -2.79 -7.16 -6.98
C SER A 8 -1.65 -8.07 -6.51
N GLN A 9 -0.92 -8.65 -7.45
CA GLN A 9 0.27 -9.45 -7.12
C GLN A 9 1.31 -8.61 -6.39
N SER A 10 1.51 -7.39 -6.85
CA SER A 10 2.48 -6.48 -6.27
C SER A 10 2.05 -6.05 -4.86
N VAL A 11 0.76 -5.80 -4.67
CA VAL A 11 0.20 -5.46 -3.36
C VAL A 11 0.40 -6.63 -2.38
N LEU A 12 0.17 -7.85 -2.85
CA LEU A 12 0.44 -9.06 -2.09
C LEU A 12 1.92 -9.21 -1.71
N ASN A 13 2.83 -8.90 -2.64
CA ASN A 13 4.27 -8.94 -2.36
C ASN A 13 4.67 -7.91 -1.30
N THR A 14 4.00 -6.77 -1.27
CA THR A 14 4.25 -5.77 -0.23
C THR A 14 3.76 -6.29 1.13
N LEU A 15 2.59 -6.92 1.18
CA LEU A 15 2.11 -7.55 2.43
C LEU A 15 3.10 -8.57 2.96
N GLU A 16 3.69 -9.37 2.06
CA GLU A 16 4.69 -10.35 2.44
C GLU A 16 5.87 -9.75 3.22
N THR A 17 6.33 -8.56 2.82
CA THR A 17 7.43 -7.88 3.53
C THR A 17 6.99 -7.28 4.86
N PHE A 18 5.73 -6.88 4.96
CA PHE A 18 5.17 -6.38 6.24
C PHE A 18 4.82 -7.51 7.23
N PHE A 19 4.40 -8.68 6.73
CA PHE A 19 3.82 -9.76 7.56
C PHE A 19 4.82 -10.81 8.04
N ILE A 20 5.69 -11.28 7.15
CA ILE A 20 6.66 -12.30 7.49
C ILE A 20 7.68 -11.71 8.46
N LYS A 21 7.58 -12.14 9.71
CA LYS A 21 8.50 -11.74 10.79
C LYS A 21 9.32 -12.94 11.27
N GLU A 22 10.41 -12.64 11.97
CA GLU A 22 11.20 -13.66 12.66
C GLU A 22 10.37 -14.21 13.83
N ASN A 23 9.90 -13.29 14.66
CA ASN A 23 8.99 -13.59 15.75
C ASN A 23 7.54 -13.48 15.20
N HIS A 24 6.62 -12.82 15.91
CA HIS A 24 5.21 -12.75 15.48
C HIS A 24 4.80 -11.36 15.00
N TYR A 25 3.98 -11.32 13.96
CA TYR A 25 3.44 -10.06 13.45
C TYR A 25 2.43 -9.43 14.41
N ASP A 26 2.52 -8.10 14.54
CA ASP A 26 1.47 -7.28 15.15
C ASP A 26 1.32 -5.96 14.38
N MSE A 27 0.12 -5.38 14.44
CA MSE A 27 -0.16 -4.05 13.88
C MSE A 27 0.51 -2.95 14.66
O MSE A 27 -0.06 -2.44 15.64
CB MSE A 27 -1.66 -3.74 13.92
CG MSE A 27 -2.53 -4.61 13.03
SE MSE A 27 -3.42 -3.56 11.64
CE MSE A 27 -1.88 -3.79 10.46
N GLN A 28 1.71 -2.55 14.26
CA GLN A 28 2.35 -1.33 14.78
C GLN A 28 1.57 -0.17 14.15
N ARG A 29 1.36 0.93 14.88
CA ARG A 29 0.47 2.00 14.41
C ARG A 29 0.96 2.74 13.13
N GLU A 30 2.27 2.72 12.88
CA GLU A 30 2.86 3.27 11.66
C GLU A 30 2.60 2.43 10.39
N GLU A 31 2.07 1.22 10.55
CA GLU A 31 1.78 0.32 9.43
C GLU A 31 0.31 -0.05 9.26
N SER A 32 -0.58 0.38 10.16
CA SER A 32 -2.00 0.00 10.08
C SER A 32 -2.64 0.44 8.78
N SER A 33 -2.34 1.68 8.39
CA SER A 33 -3.04 2.31 7.30
C SER A 33 -2.71 1.62 5.96
N ILE A 34 -1.43 1.32 5.75
CA ILE A 34 -1.01 0.64 4.52
C ILE A 34 -1.43 -0.83 4.48
N VAL A 35 -1.30 -1.53 5.61
CA VAL A 35 -1.71 -2.93 5.71
C VAL A 35 -3.21 -3.05 5.47
N ASN A 36 -4.00 -2.21 6.12
CA ASN A 36 -5.44 -2.14 5.86
C ASN A 36 -5.74 -1.86 4.39
N ALA A 37 -5.05 -0.89 3.82
CA ALA A 37 -5.25 -0.53 2.40
C ALA A 37 -4.87 -1.67 1.46
N CYS A 38 -3.80 -2.39 1.79
CA CYS A 38 -3.42 -3.59 1.04
C CYS A 38 -4.47 -4.71 1.15
N LEU A 39 -4.96 -4.97 2.37
CA LEU A 39 -5.96 -6.01 2.60
C LEU A 39 -7.27 -5.68 1.93
N ARG A 40 -7.71 -4.42 2.04
CA ARG A 40 -8.93 -3.99 1.35
C ARG A 40 -8.80 -4.10 -0.18
N TYR A 41 -7.61 -3.82 -0.73
CA TYR A 41 -7.39 -3.88 -2.18
C TYR A 41 -7.46 -5.30 -2.69
N LEU A 42 -6.80 -6.22 -2.00
CA LEU A 42 -6.87 -7.66 -2.34
C LEU A 42 -8.27 -8.22 -2.09
N GLY A 43 -8.89 -7.77 -1.01
CA GLY A 43 -10.27 -8.15 -0.68
C GLY A 43 -11.31 -7.81 -1.73
N TYR A 44 -11.12 -6.69 -2.43
CA TYR A 44 -12.04 -6.25 -3.48
C TYR A 44 -11.48 -6.43 -4.88
N SER A 45 -10.29 -7.03 -5.00
CA SER A 45 -9.69 -7.31 -6.30
C SER A 45 -10.41 -8.44 -7.02
N LYS A 46 -11.06 -8.13 -8.14
CA LYS A 46 -11.73 -9.13 -8.98
C LYS A 46 -10.84 -10.29 -9.38
N SER A 47 -9.57 -10.02 -9.66
CA SER A 47 -8.63 -11.05 -10.07
C SER A 47 -8.16 -12.00 -8.95
N MSE A 48 -8.40 -11.65 -7.68
CA MSE A 48 -7.94 -12.46 -6.54
C MSE A 48 -9.01 -13.34 -5.91
O MSE A 48 -8.73 -14.05 -4.93
CB MSE A 48 -7.38 -11.50 -5.48
CG MSE A 48 -6.16 -10.72 -5.96
SE MSE A 48 -4.52 -11.81 -6.05
CE MSE A 48 -4.21 -11.70 -8.00
N CYS A 49 -10.21 -13.34 -6.47
CA CYS A 49 -11.36 -14.02 -5.87
C CYS A 49 -11.24 -15.54 -5.80
N HIS A 50 -10.57 -16.14 -6.79
CA HIS A 50 -10.41 -17.59 -6.86
C HIS A 50 -8.94 -17.95 -6.92
N GLU A 51 -8.12 -17.23 -6.15
CA GLU A 51 -6.67 -17.38 -6.16
C GLU A 51 -6.25 -18.03 -4.85
N LYS A 52 -5.25 -18.92 -4.94
CA LYS A 52 -4.74 -19.68 -3.80
C LYS A 52 -4.03 -18.70 -2.86
N MSE A 53 -4.54 -18.58 -1.63
CA MSE A 53 -3.97 -17.64 -0.68
C MSE A 53 -2.67 -18.17 -0.12
O MSE A 53 -2.64 -19.28 0.42
CB MSE A 53 -4.92 -17.40 0.48
CG MSE A 53 -4.30 -16.38 1.44
SE MSE A 53 -5.70 -15.21 2.16
CE MSE A 53 -6.11 -16.32 3.73
N PRO A 54 -1.57 -17.39 -0.23
CA PRO A 54 -0.30 -17.81 0.37
C PRO A 54 -0.40 -18.09 1.87
N ILE A 55 0.44 -18.99 2.36
CA ILE A 55 0.33 -19.45 3.74
C ILE A 55 0.81 -18.40 4.74
N PHE A 56 1.66 -17.47 4.32
CA PHE A 56 2.06 -16.34 5.18
C PHE A 56 0.89 -15.45 5.59
N MSE A 57 -0.19 -15.43 4.80
CA MSE A 57 -1.39 -14.65 5.12
C MSE A 57 -2.11 -15.29 6.27
O MSE A 57 -2.47 -14.61 7.23
CB MSE A 57 -2.36 -14.55 3.94
CG MSE A 57 -1.75 -13.86 2.72
SE MSE A 57 -1.64 -11.91 2.99
CE MSE A 57 -3.51 -11.46 2.56
N ASP A 58 -2.31 -16.61 6.20
CA ASP A 58 -2.96 -17.36 7.28
C ASP A 58 -2.15 -17.25 8.58
N ILE A 59 -0.83 -17.41 8.49
CA ILE A 59 0.04 -17.27 9.67
C ILE A 59 -0.05 -15.87 10.31
N ALA A 60 0.02 -14.84 9.48
CA ALA A 60 -0.10 -13.47 9.99
C ALA A 60 -1.46 -13.26 10.65
N PHE A 61 -2.51 -13.83 10.06
CA PHE A 61 -3.83 -13.77 10.66
C PHE A 61 -3.85 -14.45 12.04
N ILE A 62 -3.31 -15.66 12.13
CA ILE A 62 -3.29 -16.39 13.41
C ILE A 62 -2.49 -15.60 14.45
N GLU A 63 -1.33 -15.10 14.05
CA GLU A 63 -0.51 -14.25 14.92
C GLU A 63 -1.28 -13.01 15.39
N TYR A 64 -2.00 -12.38 14.46
CA TYR A 64 -2.83 -11.21 14.77
C TYR A 64 -4.08 -11.54 15.60
N CYS A 65 -4.80 -12.59 15.20
CA CYS A 65 -6.06 -13.01 15.83
C CYS A 65 -5.91 -13.38 17.29
N PHE A 66 -4.82 -14.06 17.63
CA PHE A 66 -4.55 -14.51 19.00
C PHE A 66 -3.45 -13.72 19.72
N ASN A 67 -3.17 -12.50 19.22
CA ASN A 67 -2.21 -11.57 19.82
C ASN A 67 -0.93 -12.24 20.34
N LEU A 68 -0.25 -12.97 19.46
CA LEU A 68 0.89 -13.80 19.86
C LEU A 68 2.21 -13.06 20.13
N SER A 69 2.29 -11.76 19.83
CA SER A 69 3.53 -10.98 20.05
C SER A 69 3.94 -10.86 21.52
N GLN A 88 -8.14 -8.40 27.58
CA GLN A 88 -9.08 -9.13 26.73
C GLN A 88 -8.98 -8.64 25.28
N GLN A 89 -8.01 -9.20 24.57
CA GLN A 89 -7.62 -8.77 23.23
C GLN A 89 -8.11 -9.71 22.11
N ILE A 90 -8.47 -10.95 22.45
CA ILE A 90 -8.99 -11.93 21.49
C ILE A 90 -10.51 -11.81 21.43
N LEU A 91 -11.02 -11.68 20.21
CA LEU A 91 -12.46 -11.64 19.97
C LEU A 91 -12.96 -13.08 19.89
N TRP A 92 -13.60 -13.53 20.95
CA TRP A 92 -14.22 -14.86 20.99
C TRP A 92 -15.62 -14.75 20.41
N GLU A 93 -15.68 -14.84 19.08
CA GLU A 93 -16.94 -14.83 18.33
C GLU A 93 -16.96 -16.05 17.43
N TYR A 94 -18.12 -16.71 17.39
CA TYR A 94 -18.30 -17.97 16.68
C TYR A 94 -17.71 -17.96 15.25
N SER A 95 -18.31 -17.16 14.37
CA SER A 95 -17.88 -17.07 12.97
C SER A 95 -16.37 -16.77 12.81
N LEU A 96 -15.85 -15.88 13.65
CA LEU A 96 -14.44 -15.48 13.57
C LEU A 96 -13.48 -16.59 13.96
N ILE A 97 -13.74 -17.23 15.10
CA ILE A 97 -12.87 -18.31 15.61
C ILE A 97 -12.98 -19.55 14.73
N SER A 98 -14.18 -19.81 14.22
CA SER A 98 -14.38 -20.87 13.24
C SER A 98 -13.46 -20.68 12.03
N ASN A 99 -13.50 -19.48 11.44
CA ASN A 99 -12.60 -19.08 10.34
C ASN A 99 -11.13 -19.13 10.76
N ALA A 100 -10.83 -18.70 11.99
CA ALA A 100 -9.47 -18.78 12.52
C ALA A 100 -8.97 -20.22 12.57
N LEU A 101 -9.80 -21.11 13.09
CA LEU A 101 -9.49 -22.57 13.11
C LEU A 101 -9.33 -23.18 11.73
N GLU A 102 -10.11 -22.70 10.77
CA GLU A 102 -9.99 -23.11 9.38
C GLU A 102 -8.64 -22.69 8.77
N ARG A 103 -8.16 -21.49 9.13
CA ARG A 103 -6.86 -21.01 8.63
C ARG A 103 -5.70 -21.71 9.33
N LEU A 104 -5.85 -21.98 10.63
CA LEU A 104 -4.90 -22.82 11.38
C LEU A 104 -4.82 -24.22 10.79
N GLU A 105 -5.95 -24.74 10.30
CA GLU A 105 -6.00 -26.02 9.59
C GLU A 105 -5.25 -25.94 8.25
N ASN A 106 -5.48 -24.85 7.50
CA ASN A 106 -4.78 -24.60 6.23
C ASN A 106 -3.27 -24.59 6.41
N ILE A 107 -2.80 -23.97 7.50
CA ILE A 107 -1.37 -23.94 7.86
C ILE A 107 -0.84 -25.36 8.08
N GLU A 108 -1.59 -26.16 8.83
CA GLU A 108 -1.21 -27.55 9.15
C GLU A 108 -1.17 -28.47 7.93
N LEU A 109 -2.18 -28.39 7.04
CA LEU A 109 -2.16 -29.19 5.81
C LEU A 109 -0.97 -28.85 4.94
N GLU A 110 -0.68 -27.56 4.80
CA GLU A 110 0.47 -27.08 4.03
C GLU A 110 1.78 -27.56 4.65
N ARG A 111 1.83 -27.59 5.99
CA ARG A 111 3.00 -28.13 6.70
C ARG A 111 3.19 -29.60 6.40
N GLN A 112 2.12 -30.39 6.52
CA GLN A 112 2.15 -31.83 6.25
C GLN A 112 2.60 -32.16 4.83
N ASN A 113 1.98 -31.53 3.82
CA ASN A 113 2.35 -31.76 2.41
C ASN A 113 3.81 -31.45 2.14
N CYS A 114 4.24 -30.28 2.60
CA CYS A 114 5.61 -29.82 2.40
C CYS A 114 6.63 -30.70 3.13
N MSE A 115 6.25 -31.26 4.29
CA MSE A 115 7.12 -32.18 5.05
C MSE A 115 7.14 -33.59 4.50
O MSE A 115 8.12 -34.31 4.69
CB MSE A 115 6.66 -32.23 6.51
CG MSE A 115 7.83 -32.29 7.48
SE MSE A 115 8.78 -30.56 7.48
CE MSE A 115 10.40 -31.26 8.34
N ARG A 116 6.07 -33.99 3.82
CA ARG A 116 5.94 -35.33 3.24
C ARG A 116 6.93 -35.62 2.08
N GLU A 117 7.42 -34.56 1.42
CA GLU A 117 8.40 -34.70 0.32
C GLU A 117 9.71 -35.32 0.80
N LEU A 129 16.59 -37.23 11.55
CA LEU A 129 16.55 -37.15 13.01
C LEU A 129 15.77 -35.91 13.47
N ASN A 130 16.33 -34.71 13.21
CA ASN A 130 15.70 -33.45 13.62
C ASN A 130 14.47 -33.09 12.76
N LYS A 131 14.42 -33.60 11.52
CA LYS A 131 13.21 -33.51 10.68
C LYS A 131 11.98 -34.16 11.32
N GLU A 132 12.17 -35.34 11.90
CA GLU A 132 11.06 -36.09 12.53
C GLU A 132 10.76 -35.60 13.95
N THR A 133 11.78 -35.10 14.65
CA THR A 133 11.61 -34.48 15.96
C THR A 133 10.74 -33.22 15.90
N LEU A 134 11.05 -32.35 14.93
CA LEU A 134 10.25 -31.13 14.66
C LEU A 134 8.85 -31.43 14.11
N ASN A 135 8.77 -32.38 13.18
CA ASN A 135 7.49 -32.84 12.61
C ASN A 135 6.51 -33.33 13.69
N ASN A 136 7.02 -34.14 14.63
CA ASN A 136 6.21 -34.64 15.74
C ASN A 136 5.86 -33.54 16.74
N GLU A 137 6.78 -32.60 16.95
CA GLU A 137 6.53 -31.45 17.83
C GLU A 137 5.39 -30.57 17.31
N ALA A 138 5.34 -30.39 15.99
CA ALA A 138 4.26 -29.64 15.36
C ALA A 138 2.91 -30.34 15.52
N LEU A 139 2.88 -31.65 15.29
CA LEU A 139 1.66 -32.45 15.47
C LEU A 139 1.06 -32.37 16.88
N LYS A 140 1.91 -32.38 17.91
CA LYS A 140 1.44 -32.31 19.31
C LYS A 140 1.00 -30.90 19.70
N LEU A 141 1.78 -29.90 19.30
CA LEU A 141 1.42 -28.49 19.52
C LEU A 141 0.14 -28.14 18.77
N TYR A 142 -0.03 -28.68 17.57
CA TYR A 142 -1.23 -28.42 16.76
C TYR A 142 -2.53 -28.81 17.47
N SER A 143 -2.61 -30.09 17.84
CA SER A 143 -3.80 -30.63 18.51
C SER A 143 -4.07 -29.93 19.83
N CYS A 144 -3.00 -29.69 20.59
CA CYS A 144 -3.06 -28.98 21.87
C CYS A 144 -3.55 -27.54 21.72
N ALA A 145 -3.03 -26.83 20.72
CA ALA A 145 -3.49 -25.47 20.38
C ALA A 145 -4.93 -25.46 19.91
N LYS A 146 -5.24 -26.34 18.97
CA LYS A 146 -6.60 -26.51 18.44
C LYS A 146 -7.62 -26.78 19.56
N ALA A 147 -7.22 -27.63 20.51
CA ALA A 147 -8.02 -27.92 21.71
C ALA A 147 -8.27 -26.67 22.53
N GLY A 148 -7.19 -25.95 22.85
CA GLY A 148 -7.25 -24.69 23.58
C GLY A 148 -8.20 -23.65 22.96
N ILE A 149 -8.14 -23.51 21.63
CA ILE A 149 -9.01 -22.57 20.94
C ILE A 149 -10.47 -23.03 21.06
N CYS A 150 -10.72 -24.28 20.70
CA CYS A 150 -12.06 -24.87 20.79
C CYS A 150 -12.65 -24.78 22.21
N ARG A 151 -11.81 -25.05 23.21
CA ARG A 151 -12.21 -24.98 24.62
C ARG A 151 -12.64 -23.58 25.05
N TRP A 152 -11.81 -22.59 24.74
CA TRP A 152 -12.06 -21.21 25.16
C TRP A 152 -13.18 -20.54 24.38
N MSE A 153 -13.42 -20.98 23.15
CA MSE A 153 -14.62 -20.58 22.42
C MSE A 153 -15.82 -21.12 23.16
O MSE A 153 -16.78 -20.39 23.37
CB MSE A 153 -14.62 -21.08 20.97
CG MSE A 153 -15.85 -20.63 20.18
SE MSE A 153 -15.89 -18.67 19.94
CE MSE A 153 -17.64 -18.16 20.72
N ALA A 154 -15.75 -22.39 23.55
CA ALA A 154 -16.84 -23.06 24.28
C ALA A 154 -17.13 -22.40 25.62
N PHE A 155 -16.07 -22.06 26.37
CA PHE A 155 -16.23 -21.27 27.59
C PHE A 155 -16.98 -19.96 27.33
N HIS A 156 -16.69 -19.30 26.21
CA HIS A 156 -17.37 -18.06 25.85
C HIS A 156 -18.84 -18.26 25.48
N PHE A 157 -19.16 -19.34 24.77
CA PHE A 157 -20.58 -19.73 24.58
C PHE A 157 -21.27 -19.90 25.93
N LEU A 158 -20.60 -20.60 26.85
CA LEU A 158 -21.15 -20.90 28.17
C LEU A 158 -21.33 -19.71 29.10
N GLU A 159 -20.60 -18.61 28.88
CA GLU A 159 -20.77 -17.38 29.67
C GLU A 159 -21.97 -16.52 29.25
N GLN A 160 -22.54 -16.77 28.08
CA GLN A 160 -23.65 -15.95 27.56
C GLN A 160 -24.97 -16.27 28.22
N GLU A 161 -25.95 -15.40 28.00
CA GLU A 161 -27.24 -15.45 28.68
C GLU A 161 -28.30 -14.68 27.87
N PRO A 162 -29.15 -15.38 27.10
CA PRO A 162 -29.25 -16.83 26.94
C PRO A 162 -28.11 -17.45 26.14
N ILE A 163 -27.89 -18.76 26.33
CA ILE A 163 -26.98 -19.53 25.47
C ILE A 163 -27.63 -19.70 24.11
N ASP A 164 -26.79 -19.74 23.08
CA ASP A 164 -27.21 -20.18 21.75
C ASP A 164 -26.84 -21.66 21.65
N HIS A 165 -27.80 -22.53 21.95
CA HIS A 165 -27.59 -23.99 21.92
C HIS A 165 -27.31 -24.55 20.52
N ILE A 166 -27.85 -23.90 19.49
CA ILE A 166 -27.67 -24.36 18.10
C ILE A 166 -26.20 -24.18 17.66
N ASN A 167 -25.68 -22.96 17.84
CA ASN A 167 -24.31 -22.62 17.41
C ASN A 167 -23.24 -23.25 18.27
N PHE A 168 -23.48 -23.27 19.59
CA PHE A 168 -22.63 -23.97 20.55
C PHE A 168 -22.42 -25.41 20.14
N THR A 169 -23.52 -26.11 19.87
CA THR A 169 -23.51 -27.50 19.39
C THR A 169 -22.84 -27.60 18.02
N LYS A 170 -23.28 -26.76 17.08
CA LYS A 170 -22.73 -26.71 15.72
C LYS A 170 -21.22 -26.49 15.72
N PHE A 171 -20.73 -25.69 16.67
CA PHE A 171 -19.30 -25.45 16.82
C PHE A 171 -18.55 -26.68 17.36
N LEU A 172 -19.11 -27.33 18.38
CA LEU A 172 -18.47 -28.51 18.99
C LEU A 172 -18.38 -29.67 18.02
N GLN A 173 -19.45 -29.90 17.26
CA GLN A 173 -19.48 -30.90 16.19
C GLN A 173 -18.38 -30.67 15.16
N ASP A 174 -18.24 -29.43 14.70
CA ASP A 174 -17.23 -29.06 13.69
C ASP A 174 -15.76 -29.17 14.15
N TRP A 175 -15.47 -28.79 15.39
CA TRP A 175 -14.06 -28.54 15.83
C TRP A 175 -13.50 -29.40 16.98
N GLY A 176 -14.33 -29.80 17.93
CA GLY A 176 -13.87 -30.59 19.09
C GLY A 176 -14.11 -32.10 19.01
N SER A 177 -14.01 -32.67 17.81
CA SER A 177 -14.32 -34.10 17.59
C SER A 177 -13.18 -35.05 17.96
N HIS A 178 -12.01 -34.53 18.35
CA HIS A 178 -10.92 -35.34 18.93
C HIS A 178 -10.96 -35.36 20.47
N ASN A 179 -11.54 -34.32 21.09
CA ASN A 179 -11.61 -34.18 22.55
C ASN A 179 -13.04 -34.45 23.03
N GLU A 180 -13.67 -35.51 22.50
CA GLU A 180 -15.12 -35.69 22.57
C GLU A 180 -15.69 -35.77 24.00
N LYS A 181 -14.95 -36.39 24.91
CA LYS A 181 -15.37 -36.49 26.32
C LYS A 181 -15.39 -35.15 27.05
N GLU A 182 -14.42 -34.27 26.75
CA GLU A 182 -14.44 -32.89 27.26
C GLU A 182 -15.65 -32.09 26.72
N MSE A 183 -16.00 -32.31 25.46
CA MSE A 183 -17.13 -31.59 24.84
C MSE A 183 -18.45 -32.11 25.35
O MSE A 183 -19.38 -31.33 25.58
CB MSE A 183 -17.03 -31.62 23.31
CG MSE A 183 -15.74 -31.00 22.73
SE MSE A 183 -15.38 -29.09 23.14
CE MSE A 183 -13.49 -29.25 23.69
N GLU A 184 -18.55 -33.44 25.54
CA GLU A 184 -19.69 -34.06 26.22
C GLU A 184 -19.96 -33.44 27.60
N ALA A 185 -18.89 -33.24 28.36
CA ALA A 185 -18.94 -32.58 29.67
C ALA A 185 -19.40 -31.12 29.60
N LEU A 186 -18.93 -30.39 28.59
CA LEU A 186 -19.37 -29.00 28.37
C LEU A 186 -20.82 -28.95 27.90
N GLN A 187 -21.20 -29.90 27.05
CA GLN A 187 -22.58 -29.99 26.58
C GLN A 187 -23.56 -30.15 27.76
N ARG A 188 -23.29 -31.11 28.65
CA ARG A 188 -24.18 -31.30 29.83
C ARG A 188 -24.01 -30.23 30.92
N LEU A 189 -22.88 -29.50 30.92
CA LEU A 189 -22.76 -28.27 31.72
C LEU A 189 -23.70 -27.16 31.20
N SER A 190 -23.94 -27.15 29.89
CA SER A 190 -24.80 -26.14 29.26
C SER A 190 -26.25 -26.12 29.78
N LYS A 191 -26.74 -27.26 30.27
CA LYS A 191 -28.10 -27.35 30.84
C LYS A 191 -28.29 -26.55 32.14
N HIS A 192 -27.22 -26.32 32.89
CA HIS A 192 -27.27 -25.47 34.09
C HIS A 192 -27.43 -24.00 33.74
N LYS A 193 -28.04 -23.25 34.65
CA LYS A 193 -28.23 -21.80 34.51
C LYS A 193 -26.94 -21.02 34.84
N ILE A 194 -26.93 -19.72 34.54
CA ILE A 194 -25.72 -18.89 34.54
C ILE A 194 -24.75 -19.09 35.71
N ARG A 195 -25.26 -19.13 36.94
CA ARG A 195 -24.40 -19.10 38.15
C ARG A 195 -23.42 -20.27 38.19
N LYS A 196 -23.93 -21.47 37.92
CA LYS A 196 -23.13 -22.70 37.96
C LYS A 196 -22.18 -22.79 36.76
N ARG A 197 -22.64 -22.30 35.60
CA ARG A 197 -21.81 -22.24 34.39
C ARG A 197 -20.57 -21.37 34.60
N LEU A 198 -20.78 -20.18 35.18
CA LEU A 198 -19.67 -19.29 35.54
C LEU A 198 -18.69 -19.92 36.53
N ILE A 199 -19.19 -20.66 37.52
CA ILE A 199 -18.34 -21.31 38.53
C ILE A 199 -17.47 -22.41 37.90
N TYR A 200 -18.02 -23.23 37.00
CA TYR A 200 -17.21 -24.24 36.28
C TYR A 200 -16.18 -23.57 35.38
N VAL A 201 -16.66 -22.62 34.59
CA VAL A 201 -15.82 -21.89 33.62
C VAL A 201 -14.70 -21.13 34.34
N SER A 202 -15.05 -20.42 35.42
CA SER A 202 -14.08 -19.63 36.20
C SER A 202 -13.00 -20.49 36.86
N GLN A 203 -13.38 -21.66 37.40
CA GLN A 203 -12.42 -22.59 38.00
C GLN A 203 -11.55 -23.30 36.95
N HIS A 204 -12.14 -23.70 35.84
CA HIS A 204 -11.39 -24.33 34.74
C HIS A 204 -10.52 -23.36 33.93
N LYS A 205 -10.94 -22.10 33.83
CA LYS A 205 -10.05 -21.04 33.32
C LYS A 205 -8.79 -20.90 34.18
N LYS A 206 -8.96 -20.92 35.51
CA LYS A 206 -7.84 -20.73 36.44
C LYS A 206 -6.99 -21.98 36.70
N LYS A 207 -7.49 -23.17 36.33
CA LYS A 207 -6.68 -24.39 36.40
C LYS A 207 -5.62 -24.38 35.28
N MSE A 208 -6.09 -24.20 34.05
CA MSE A 208 -5.23 -24.06 32.86
C MSE A 208 -5.56 -22.71 32.25
O MSE A 208 -6.57 -22.58 31.54
CB MSE A 208 -5.51 -25.19 31.86
CG MSE A 208 -4.55 -26.38 31.96
SE MSE A 208 -3.89 -26.86 30.16
CE MSE A 208 -4.84 -28.56 29.90
N PRO A 209 -4.73 -21.67 32.52
CA PRO A 209 -5.05 -20.34 32.01
C PRO A 209 -4.69 -20.18 30.53
N TRP A 210 -5.15 -19.09 29.92
CA TRP A 210 -4.94 -18.86 28.49
C TRP A 210 -3.45 -18.82 28.12
N SER A 211 -2.64 -18.21 28.99
CA SER A 211 -1.20 -18.11 28.82
C SER A 211 -0.51 -19.42 28.40
N LYS A 212 -1.03 -20.55 28.87
CA LYS A 212 -0.58 -21.88 28.42
C LYS A 212 -0.76 -22.06 26.92
N PHE A 213 -1.98 -21.78 26.45
CA PHE A 213 -2.32 -21.98 25.04
C PHE A 213 -1.72 -20.92 24.11
N ASN A 214 -1.62 -19.69 24.60
CA ASN A 214 -0.85 -18.63 23.92
C ASN A 214 0.58 -19.11 23.66
N SER A 215 1.18 -19.76 24.67
CA SER A 215 2.54 -20.30 24.55
C SER A 215 2.64 -21.51 23.62
N VAL A 216 1.64 -22.39 23.66
CA VAL A 216 1.57 -23.57 22.76
C VAL A 216 1.39 -23.14 21.30
N LEU A 217 0.45 -22.23 21.09
CA LEU A 217 0.12 -21.71 19.76
C LEU A 217 1.29 -20.95 19.14
N SER A 218 1.88 -20.03 19.92
CA SER A 218 3.12 -19.35 19.54
C SER A 218 4.24 -20.31 19.14
N ARG A 219 4.39 -21.39 19.91
CA ARG A 219 5.39 -22.42 19.61
C ARG A 219 5.07 -23.24 18.34
N TYR A 220 3.78 -23.51 18.07
CA TYR A 220 3.39 -24.21 16.84
C TYR A 220 3.71 -23.39 15.59
N ILE A 221 3.47 -22.08 15.66
CA ILE A 221 3.76 -21.17 14.56
C ILE A 221 5.27 -21.11 14.31
N GLN A 222 6.05 -20.86 15.35
CA GLN A 222 7.52 -20.79 15.22
C GLN A 222 8.15 -22.11 14.75
N CYS A 223 7.61 -23.23 15.24
CA CYS A 223 8.03 -24.56 14.79
C CYS A 223 7.65 -24.84 13.34
N THR A 224 6.48 -24.40 12.91
CA THR A 224 6.05 -24.55 11.51
C THR A 224 6.91 -23.71 10.56
N LYS A 225 7.10 -22.44 10.90
CA LYS A 225 8.00 -21.54 10.15
C LYS A 225 9.40 -22.14 9.98
N LEU A 226 9.94 -22.66 11.08
CA LEU A 226 11.28 -23.25 11.10
C LEU A 226 11.39 -24.43 10.15
N GLN A 227 10.41 -25.33 10.23
CA GLN A 227 10.34 -26.51 9.33
C GLN A 227 10.29 -26.15 7.87
N LEU A 228 9.40 -25.21 7.53
CA LEU A 228 9.13 -24.85 6.14
C LEU A 228 10.32 -24.17 5.44
N GLU A 229 11.03 -23.31 6.17
CA GLU A 229 12.24 -22.66 5.64
C GLU A 229 13.38 -23.66 5.46
N VAL A 230 13.64 -24.45 6.52
CA VAL A 230 14.76 -25.41 6.55
C VAL A 230 14.62 -26.45 5.44
N PHE A 231 13.48 -27.13 5.39
CA PHE A 231 13.29 -28.30 4.52
C PHE A 231 12.56 -28.02 3.21
N CYS A 232 11.48 -27.25 3.28
CA CYS A 232 10.57 -27.05 2.14
C CYS A 232 10.86 -25.77 1.33
N ASP A 233 11.88 -25.01 1.74
CA ASP A 233 12.37 -23.84 1.00
C ASP A 233 11.36 -22.67 0.90
N TYR A 234 10.78 -22.34 2.03
CA TYR A 234 10.06 -21.08 2.24
C TYR A 234 11.10 -20.09 2.76
N ASP A 235 10.68 -18.86 3.04
CA ASP A 235 11.56 -17.85 3.66
C ASP A 235 10.79 -17.11 4.76
N PHE A 236 10.95 -17.57 5.99
CA PHE A 236 10.27 -16.98 7.16
C PHE A 236 11.24 -16.24 8.08
N LYS A 237 12.37 -15.79 7.54
CA LYS A 237 13.40 -15.09 8.31
C LYS A 237 13.80 -15.88 9.54
N GLN A 238 14.18 -17.13 9.30
CA GLN A 238 14.59 -18.08 10.34
C GLN A 238 16.09 -18.43 10.22
N ARG A 239 16.83 -17.67 9.42
CA ARG A 239 18.27 -17.90 9.21
C ARG A 239 19.06 -17.76 10.52
N GLU A 240 18.79 -16.68 11.25
CA GLU A 240 19.39 -16.45 12.57
C GLU A 240 19.01 -17.52 13.60
N ILE A 241 17.77 -18.01 13.55
CA ILE A 241 17.30 -19.07 14.46
C ILE A 241 18.04 -20.38 14.18
N VAL A 242 18.31 -20.67 12.90
CA VAL A 242 19.05 -21.88 12.50
C VAL A 242 20.51 -21.85 13.00
N LYS A 243 21.15 -20.67 12.91
CA LYS A 243 22.53 -20.50 13.40
C LYS A 243 22.66 -20.67 14.93
N MSE A 244 21.62 -20.31 15.69
CA MSE A 244 21.61 -20.50 17.16
C MSE A 244 21.46 -21.95 17.55
O MSE A 244 22.05 -22.38 18.54
CB MSE A 244 20.48 -19.71 17.84
CG MSE A 244 20.58 -18.17 17.81
SE MSE A 244 22.41 -17.40 17.73
CE MSE A 244 22.99 -17.88 19.55
N LEU A 245 20.65 -22.72 16.81
CA LEU A 245 20.53 -24.16 17.04
C LEU A 245 21.77 -24.95 16.64
N THR A 246 22.52 -24.45 15.65
CA THR A 246 23.82 -25.05 15.27
C THR A 246 24.91 -24.79 16.32
N SER A 247 24.80 -23.68 17.07
CA SER A 247 25.81 -23.32 18.09
C SER A 247 25.90 -24.27 19.28
N ASN A 248 24.82 -25.00 19.59
CA ASN A 248 24.72 -25.89 20.76
C ASN A 248 24.48 -25.05 22.04
N ILE A 249 23.22 -24.67 22.25
CA ILE A 249 22.75 -24.05 23.50
C ILE A 249 21.45 -24.73 23.92
N GLU B 1 -18.21 -15.97 -15.70
CA GLU B 1 -19.55 -16.41 -16.22
C GLU B 1 -20.17 -17.52 -15.36
N ALA B 2 -19.36 -18.53 -15.03
CA ALA B 2 -19.82 -19.63 -14.16
C ALA B 2 -20.08 -19.14 -12.73
N CYS B 3 -19.10 -18.46 -12.15
CA CYS B 3 -19.24 -17.88 -10.81
C CYS B 3 -20.16 -16.67 -10.84
N GLU B 4 -21.32 -16.80 -10.21
CA GLU B 4 -22.35 -15.75 -10.30
C GLU B 4 -22.00 -14.53 -9.44
N MSE B 5 -21.10 -14.70 -8.46
CA MSE B 5 -20.56 -13.56 -7.71
C MSE B 5 -19.67 -12.73 -8.60
O MSE B 5 -19.76 -11.51 -8.56
CB MSE B 5 -19.80 -13.96 -6.45
CG MSE B 5 -20.70 -14.58 -5.38
SE MSE B 5 -22.05 -13.28 -4.74
CE MSE B 5 -20.91 -12.37 -3.40
N CYS B 6 -18.82 -13.37 -9.40
CA CYS B 6 -18.01 -12.68 -10.41
C CYS B 6 -18.90 -11.89 -11.39
N ARG B 7 -19.89 -12.55 -12.00
CA ARG B 7 -20.87 -11.88 -12.87
C ARG B 7 -21.51 -10.64 -12.23
N LEU B 8 -21.91 -10.78 -10.97
CA LEU B 8 -22.50 -9.67 -10.20
C LEU B 8 -21.50 -8.57 -9.79
N GLY B 9 -20.20 -8.81 -9.93
CA GLY B 9 -19.17 -7.85 -9.50
C GLY B 9 -19.06 -7.64 -7.99
N LEU B 10 -19.55 -8.60 -7.21
CA LEU B 10 -19.56 -8.51 -5.75
C LEU B 10 -18.31 -9.18 -5.18
N PRO B 11 -17.84 -8.72 -4.01
CA PRO B 11 -16.62 -9.28 -3.44
C PRO B 11 -16.84 -10.64 -2.75
N HIS B 12 -15.86 -11.52 -2.91
CA HIS B 12 -15.94 -12.90 -2.41
C HIS B 12 -14.57 -13.58 -2.55
N GLY B 13 -14.37 -14.67 -1.80
CA GLY B 13 -13.13 -15.46 -1.87
C GLY B 13 -12.31 -15.31 -0.61
N SER B 14 -11.15 -15.98 -0.57
CA SER B 14 -10.31 -16.00 0.64
C SER B 14 -9.87 -14.62 1.11
N PHE B 15 -9.46 -13.77 0.17
CA PHE B 15 -8.93 -12.44 0.50
C PHE B 15 -10.01 -11.52 1.06
N PHE B 16 -11.22 -11.62 0.53
CA PHE B 16 -12.34 -10.86 1.06
C PHE B 16 -12.71 -11.29 2.47
N GLU B 17 -12.77 -12.61 2.69
CA GLU B 17 -13.15 -13.15 3.99
C GLU B 17 -12.09 -12.84 5.03
N LEU B 18 -10.81 -12.96 4.64
CA LEU B 18 -9.70 -12.50 5.48
C LEU B 18 -9.86 -11.03 5.86
N LEU B 19 -10.18 -10.19 4.86
CA LEU B 19 -10.44 -8.77 5.10
C LEU B 19 -11.52 -8.56 6.16
N ARG B 20 -12.66 -9.20 6.00
CA ARG B 20 -13.76 -9.04 6.96
C ARG B 20 -13.35 -9.45 8.37
N ASP B 21 -12.64 -10.56 8.49
CA ASP B 21 -12.20 -11.08 9.80
C ASP B 21 -11.18 -10.17 10.45
N TRP B 22 -10.24 -9.69 9.65
CA TRP B 22 -9.23 -8.74 10.10
C TRP B 22 -9.88 -7.45 10.62
N LYS B 23 -10.88 -6.95 9.91
CA LYS B 23 -11.62 -5.75 10.35
C LYS B 23 -12.36 -5.96 11.67
N LYS B 24 -12.99 -7.12 11.85
CA LYS B 24 -13.68 -7.45 13.11
C LYS B 24 -12.74 -7.34 14.32
N ILE B 25 -11.55 -7.90 14.18
CA ILE B 25 -10.55 -7.89 15.24
C ILE B 25 -10.16 -6.45 15.55
N GLU B 26 -9.98 -5.63 14.51
CA GLU B 26 -9.63 -4.20 14.67
C GLU B 26 -10.70 -3.42 15.39
N GLU B 27 -11.93 -3.51 14.90
CA GLU B 27 -13.08 -2.86 15.52
C GLU B 27 -13.15 -3.22 17.01
N PHE B 28 -12.92 -4.50 17.33
CA PHE B 28 -12.94 -4.98 18.72
C PHE B 28 -11.82 -4.36 19.57
N ARG B 29 -10.60 -4.34 19.04
CA ARG B 29 -9.44 -3.78 19.76
C ARG B 29 -9.34 -2.24 19.81
N ASN B 30 -10.16 -1.52 19.02
CA ASN B 30 -10.07 -0.04 18.93
C ASN B 30 -10.70 0.69 20.11
N LYS B 31 -11.77 0.13 20.69
CA LYS B 31 -12.34 0.70 21.93
C LYS B 31 -11.93 -0.05 23.22
N SER B 32 -11.34 -1.25 23.09
CA SER B 32 -10.73 -1.95 24.23
C SER B 32 -9.46 -1.22 24.66
N GLY C 1 15.74 -1.28 10.73
CA GLY C 1 16.58 -0.35 9.89
C GLY C 1 16.72 -0.84 8.46
N SER C 2 17.24 -2.06 8.32
CA SER C 2 17.32 -2.75 7.02
C SER C 2 15.99 -3.40 6.63
N ASN C 3 15.21 -3.82 7.63
CA ASN C 3 13.87 -4.37 7.37
C ASN C 3 12.90 -3.32 6.86
N GLU C 4 12.95 -2.11 7.40
CA GLU C 4 12.04 -1.05 6.96
C GLU C 4 12.51 -0.46 5.62
N LYS C 5 13.83 -0.51 5.37
CA LYS C 5 14.39 -0.32 4.02
C LYS C 5 13.74 -1.23 2.98
N ILE C 6 13.67 -2.51 3.29
CA ILE C 6 13.08 -3.52 2.41
C ILE C 6 11.59 -3.23 2.20
N ARG C 7 10.90 -2.90 3.28
CA ARG C 7 9.47 -2.60 3.23
C ARG C 7 9.15 -1.36 2.40
N SER C 8 9.98 -0.33 2.54
CA SER C 8 9.85 0.90 1.76
C SER C 8 10.17 0.69 0.27
N GLN C 9 11.17 -0.14 -0.02
CA GLN C 9 11.46 -0.52 -1.42
C GLN C 9 10.29 -1.29 -2.04
N SER C 10 9.59 -2.09 -1.24
CA SER C 10 8.43 -2.85 -1.72
C SER C 10 7.21 -1.95 -1.98
N VAL C 11 6.97 -0.99 -1.08
CA VAL C 11 5.91 0.01 -1.25
C VAL C 11 6.17 0.82 -2.54
N LEU C 12 7.43 1.16 -2.75
CA LEU C 12 7.86 1.86 -3.97
C LEU C 12 7.65 1.02 -5.23
N ASN C 13 7.93 -0.29 -5.18
CA ASN C 13 7.64 -1.18 -6.32
C ASN C 13 6.16 -1.31 -6.61
N THR C 14 5.34 -1.25 -5.58
CA THR C 14 3.89 -1.30 -5.75
C THR C 14 3.40 -0.01 -6.35
N LEU C 15 3.97 1.12 -5.91
CA LEU C 15 3.64 2.41 -6.54
C LEU C 15 4.00 2.44 -8.02
N GLU C 16 5.15 1.89 -8.38
CA GLU C 16 5.59 1.76 -9.77
C GLU C 16 4.56 1.09 -10.65
N THR C 17 3.98 0.03 -10.11
CA THR C 17 2.94 -0.74 -10.78
C THR C 17 1.59 0.00 -10.92
N PHE C 18 1.33 0.99 -10.07
CA PHE C 18 0.11 1.83 -10.15
C PHE C 18 0.29 3.11 -10.99
N PHE C 19 1.52 3.61 -11.05
CA PHE C 19 1.80 4.96 -11.58
C PHE C 19 2.24 4.97 -13.05
N ILE C 20 3.04 3.98 -13.45
CA ILE C 20 3.55 3.90 -14.80
C ILE C 20 2.39 3.55 -15.70
N LYS C 21 2.05 4.44 -16.64
CA LYS C 21 0.96 4.22 -17.59
C LYS C 21 1.40 4.37 -19.05
N GLU C 22 0.71 3.64 -19.91
CA GLU C 22 0.85 3.76 -21.35
C GLU C 22 0.48 5.18 -21.73
N ASN C 23 -0.67 5.62 -21.24
CA ASN C 23 -1.12 6.99 -21.39
C ASN C 23 -0.68 7.79 -20.18
N HIS C 24 -1.55 8.58 -19.54
CA HIS C 24 -1.14 9.35 -18.38
C HIS C 24 -1.84 8.86 -17.14
N TYR C 25 -1.14 8.90 -16.01
CA TYR C 25 -1.70 8.54 -14.73
C TYR C 25 -2.77 9.54 -14.29
N ASP C 26 -3.87 9.01 -13.74
CA ASP C 26 -4.82 9.78 -12.95
C ASP C 26 -5.31 8.95 -11.76
N MSE C 27 -5.70 9.61 -10.68
CA MSE C 27 -6.21 8.93 -9.48
C MSE C 27 -7.57 8.37 -9.74
O MSE C 27 -8.52 9.12 -9.93
CB MSE C 27 -6.39 9.92 -8.33
CG MSE C 27 -5.11 10.29 -7.60
SE MSE C 27 -5.05 9.48 -5.81
CE MSE C 27 -5.23 7.64 -6.48
N GLN C 28 -7.70 7.04 -9.73
CA GLN C 28 -9.01 6.38 -9.78
C GLN C 28 -9.52 6.13 -8.35
N ARG C 29 -10.83 6.27 -8.13
CA ARG C 29 -11.47 6.01 -6.81
C ARG C 29 -10.99 4.76 -6.08
N GLU C 30 -10.97 3.63 -6.78
CA GLU C 30 -10.64 2.32 -6.18
C GLU C 30 -9.16 2.14 -5.83
N GLU C 31 -8.30 3.06 -6.28
CA GLU C 31 -6.88 3.10 -5.93
C GLU C 31 -6.50 4.25 -4.97
N SER C 32 -7.38 5.22 -4.76
CA SER C 32 -7.14 6.37 -3.84
C SER C 32 -6.46 6.01 -2.53
N SER C 33 -7.03 4.99 -1.89
CA SER C 33 -6.69 4.65 -0.53
C SER C 33 -5.30 4.00 -0.47
N ILE C 34 -5.05 3.05 -1.36
CA ILE C 34 -3.75 2.39 -1.37
C ILE C 34 -2.63 3.30 -1.88
N VAL C 35 -2.94 4.13 -2.88
CA VAL C 35 -1.97 5.12 -3.37
C VAL C 35 -1.64 6.14 -2.27
N ASN C 36 -2.66 6.66 -1.60
CA ASN C 36 -2.44 7.58 -0.48
C ASN C 36 -1.67 6.97 0.68
N ALA C 37 -1.93 5.70 0.96
CA ALA C 37 -1.24 5.00 2.03
C ALA C 37 0.21 4.72 1.69
N CYS C 38 0.48 4.29 0.46
CA CYS C 38 1.86 4.12 0.00
C CYS C 38 2.64 5.44 0.02
N LEU C 39 2.06 6.53 -0.47
CA LEU C 39 2.71 7.86 -0.46
C LEU C 39 3.02 8.37 0.95
N ARG C 40 2.07 8.18 1.88
CA ARG C 40 2.30 8.54 3.28
C ARG C 40 3.36 7.65 3.93
N TYR C 41 3.33 6.35 3.67
CA TYR C 41 4.36 5.47 4.18
C TYR C 41 5.76 5.93 3.73
N LEU C 42 5.95 6.14 2.43
CA LEU C 42 7.26 6.62 1.93
C LEU C 42 7.63 8.00 2.46
N GLY C 43 6.65 8.88 2.62
CA GLY C 43 6.88 10.22 3.12
C GLY C 43 7.39 10.31 4.56
N TYR C 44 7.06 9.33 5.39
CA TYR C 44 7.55 9.24 6.77
C TYR C 44 8.64 8.19 6.97
N SER C 45 8.90 7.37 5.96
CA SER C 45 9.95 6.38 6.04
C SER C 45 11.34 6.98 6.21
N LYS C 46 11.98 6.60 7.31
CA LYS C 46 13.32 7.11 7.67
C LYS C 46 14.36 6.75 6.63
N SER C 47 14.26 5.55 6.07
CA SER C 47 15.18 5.10 5.04
C SER C 47 15.05 5.81 3.69
N MSE C 48 13.92 6.49 3.47
CA MSE C 48 13.67 7.21 2.21
C MSE C 48 14.01 8.69 2.24
O MSE C 48 14.01 9.32 1.19
CB MSE C 48 12.19 7.02 1.83
CG MSE C 48 11.81 5.55 1.62
SE MSE C 48 12.58 4.85 -0.05
CE MSE C 48 13.93 3.62 0.70
N CYS C 49 14.32 9.24 3.41
CA CYS C 49 14.59 10.67 3.58
C CYS C 49 15.69 11.27 2.71
N HIS C 50 16.68 10.46 2.33
CA HIS C 50 17.77 10.91 1.47
C HIS C 50 17.99 10.01 0.24
N GLU C 51 16.99 9.19 -0.08
CA GLU C 51 17.00 8.40 -1.31
C GLU C 51 16.61 9.29 -2.47
N LYS C 52 17.26 9.10 -3.61
CA LYS C 52 16.89 9.77 -4.85
C LYS C 52 15.56 9.15 -5.30
N MSE C 53 14.61 10.01 -5.63
CA MSE C 53 13.30 9.57 -6.07
C MSE C 53 13.36 9.05 -7.48
O MSE C 53 13.86 9.75 -8.35
CB MSE C 53 12.41 10.78 -6.05
CG MSE C 53 11.03 10.41 -6.52
SE MSE C 53 9.81 11.43 -5.39
CE MSE C 53 10.07 13.15 -6.31
N PRO C 54 12.83 7.85 -7.75
CA PRO C 54 12.85 7.39 -9.14
C PRO C 54 12.01 8.28 -10.07
N ILE C 55 12.37 8.27 -11.36
CA ILE C 55 11.82 9.23 -12.29
C ILE C 55 10.33 8.99 -12.60
N PHE C 56 9.84 7.76 -12.42
CA PHE C 56 8.41 7.46 -12.61
C PHE C 56 7.49 8.24 -11.64
N MSE C 57 8.01 8.56 -10.45
CA MSE C 57 7.28 9.28 -9.44
C MSE C 57 7.11 10.70 -9.88
O MSE C 57 6.02 11.25 -9.76
CB MSE C 57 8.01 9.33 -8.11
CG MSE C 57 8.25 7.95 -7.48
SE MSE C 57 6.61 7.31 -6.65
CE MSE C 57 6.71 8.38 -5.00
N ASP C 58 8.18 11.31 -10.37
CA ASP C 58 8.13 12.66 -10.92
C ASP C 58 7.16 12.77 -12.11
N ILE C 59 7.15 11.75 -12.96
CA ILE C 59 6.32 11.71 -14.15
C ILE C 59 4.86 11.62 -13.76
N ALA C 60 4.54 10.64 -12.91
CA ALA C 60 3.20 10.49 -12.33
C ALA C 60 2.75 11.76 -11.66
N PHE C 61 3.64 12.39 -10.90
CA PHE C 61 3.27 13.64 -10.25
C PHE C 61 2.86 14.67 -11.28
N ILE C 62 3.69 14.83 -12.31
CA ILE C 62 3.43 15.84 -13.35
C ILE C 62 2.12 15.54 -14.08
N GLU C 63 1.90 14.27 -14.40
CA GLU C 63 0.65 13.87 -15.06
C GLU C 63 -0.56 14.19 -14.19
N TYR C 64 -0.47 13.84 -12.91
CA TYR C 64 -1.53 14.13 -11.94
C TYR C 64 -1.74 15.63 -11.68
N CYS C 65 -0.65 16.33 -11.35
CA CYS C 65 -0.69 17.77 -11.04
C CYS C 65 -1.28 18.61 -12.17
N PHE C 66 -0.87 18.35 -13.40
CA PHE C 66 -1.41 19.10 -14.55
C PHE C 66 -2.54 18.41 -15.27
N ASN C 67 -3.03 17.30 -14.70
CA ASN C 67 -4.21 16.63 -15.17
C ASN C 67 -4.08 16.37 -16.65
N LEU C 68 -3.01 15.69 -17.04
CA LEU C 68 -2.67 15.56 -18.43
C LEU C 68 -3.55 14.52 -19.13
N SER C 69 -3.89 14.83 -20.37
CA SER C 69 -4.73 13.99 -21.24
C SER C 69 -4.18 14.04 -22.64
N LEU C 70 -4.31 12.95 -23.37
CA LEU C 70 -3.90 12.94 -24.77
C LEU C 70 -5.09 12.96 -25.74
N ASP C 71 -5.94 11.93 -25.69
CA ASP C 71 -7.04 11.78 -26.67
C ASP C 71 -8.14 12.87 -26.57
N PRO C 72 -8.93 12.89 -25.46
CA PRO C 72 -10.20 13.65 -25.33
C PRO C 72 -10.53 14.73 -26.37
N PRO C 85 -10.25 19.51 -20.85
CA PRO C 85 -11.70 19.70 -20.85
C PRO C 85 -12.32 19.93 -19.46
N ASP C 86 -11.75 19.32 -18.42
CA ASP C 86 -12.26 19.47 -17.04
C ASP C 86 -12.07 20.90 -16.52
N SER C 87 -13.06 21.40 -15.79
CA SER C 87 -13.04 22.80 -15.32
C SER C 87 -12.11 22.98 -14.11
N GLN C 88 -10.98 23.65 -14.35
CA GLN C 88 -10.03 24.09 -13.32
C GLN C 88 -9.60 23.01 -12.31
N GLN C 89 -8.84 22.05 -12.83
CA GLN C 89 -8.31 20.95 -12.03
C GLN C 89 -6.90 21.21 -11.51
N ILE C 90 -6.26 22.25 -12.04
CA ILE C 90 -4.89 22.58 -11.72
C ILE C 90 -4.88 23.59 -10.59
N LEU C 91 -4.20 23.24 -9.49
CA LEU C 91 -4.03 24.16 -8.37
C LEU C 91 -2.88 25.11 -8.64
N TRP C 92 -3.20 26.34 -9.05
CA TRP C 92 -2.19 27.35 -9.33
C TRP C 92 -1.83 28.03 -8.02
N GLU C 93 -0.84 27.45 -7.35
CA GLU C 93 -0.36 27.92 -6.07
C GLU C 93 1.16 27.91 -6.10
N TYR C 94 1.76 29.03 -5.69
CA TYR C 94 3.20 29.28 -5.79
C TYR C 94 4.08 28.09 -5.38
N SER C 95 3.92 27.64 -4.14
CA SER C 95 4.76 26.58 -3.61
C SER C 95 4.61 25.27 -4.37
N LEU C 96 3.37 24.92 -4.72
CA LEU C 96 3.10 23.69 -5.45
C LEU C 96 3.72 23.71 -6.85
N ILE C 97 3.52 24.80 -7.56
CA ILE C 97 3.93 24.93 -8.96
C ILE C 97 5.45 25.07 -9.07
N SER C 98 6.05 25.77 -8.10
CA SER C 98 7.50 25.81 -7.98
C SER C 98 8.10 24.42 -7.77
N ASN C 99 7.50 23.61 -6.88
CA ASN C 99 7.93 22.21 -6.69
C ASN C 99 7.68 21.37 -7.93
N ALA C 100 6.57 21.64 -8.63
CA ALA C 100 6.28 20.95 -9.90
C ALA C 100 7.35 21.21 -10.98
N LEU C 101 7.79 22.46 -11.09
CA LEU C 101 8.83 22.81 -12.06
C LEU C 101 10.15 22.14 -11.74
N GLU C 102 10.41 21.99 -10.43
CA GLU C 102 11.58 21.29 -9.97
C GLU C 102 11.52 19.85 -10.41
N ARG C 103 10.39 19.20 -10.20
CA ARG C 103 10.22 17.81 -10.63
C ARG C 103 10.28 17.64 -12.16
N LEU C 104 9.76 18.62 -12.92
CA LEU C 104 9.90 18.59 -14.39
C LEU C 104 11.36 18.71 -14.82
N GLU C 105 12.08 19.62 -14.17
CA GLU C 105 13.52 19.76 -14.36
C GLU C 105 14.26 18.47 -14.11
N ASN C 106 13.90 17.75 -13.05
CA ASN C 106 14.50 16.44 -12.76
C ASN C 106 14.27 15.40 -13.85
N ILE C 107 13.07 15.39 -14.42
CA ILE C 107 12.74 14.50 -15.56
C ILE C 107 13.67 14.85 -16.72
N GLU C 108 13.78 16.13 -17.01
CA GLU C 108 14.64 16.60 -18.09
C GLU C 108 16.11 16.26 -17.87
N LEU C 109 16.60 16.50 -16.68
CA LEU C 109 17.98 16.14 -16.33
C LEU C 109 18.19 14.63 -16.46
N GLU C 110 17.25 13.83 -15.99
CA GLU C 110 17.38 12.39 -16.15
C GLU C 110 17.41 12.00 -17.63
N ARG C 111 16.56 12.63 -18.43
CA ARG C 111 16.43 12.31 -19.84
C ARG C 111 17.71 12.69 -20.59
N GLN C 112 18.19 13.91 -20.38
CA GLN C 112 19.48 14.38 -20.95
C GLN C 112 20.66 13.49 -20.60
N ASN C 113 20.75 13.11 -19.33
CA ASN C 113 21.83 12.26 -18.83
C ASN C 113 21.82 10.88 -19.47
N CYS C 114 20.64 10.29 -19.56
CA CYS C 114 20.49 8.96 -20.15
C CYS C 114 20.62 8.95 -21.67
N MSE C 115 20.33 10.07 -22.33
CA MSE C 115 20.46 10.15 -23.78
C MSE C 115 21.89 10.34 -24.22
O MSE C 115 22.21 10.02 -25.35
CB MSE C 115 19.55 11.24 -24.38
CG MSE C 115 18.08 10.83 -24.30
SE MSE C 115 17.62 9.27 -25.41
CE MSE C 115 17.41 10.30 -27.06
N ARG C 116 22.75 10.86 -23.34
CA ARG C 116 24.20 10.88 -23.60
C ARG C 116 24.78 9.46 -23.70
N GLU C 117 24.42 8.59 -22.75
CA GLU C 117 24.88 7.19 -22.71
C GLU C 117 23.80 6.25 -23.23
N LEU C 128 16.38 3.61 -33.68
CA LEU C 128 17.83 3.62 -33.85
C LEU C 128 18.28 4.96 -34.42
N LEU C 129 17.82 5.25 -35.65
CA LEU C 129 18.16 6.49 -36.37
C LEU C 129 17.29 7.69 -35.94
N ASN C 130 16.22 7.42 -35.19
CA ASN C 130 15.33 8.45 -34.65
C ASN C 130 15.83 9.10 -33.33
N LYS C 131 17.01 8.70 -32.85
CA LYS C 131 17.51 9.15 -31.56
C LYS C 131 17.76 10.66 -31.44
N GLU C 132 18.45 11.23 -32.43
CA GLU C 132 18.73 12.68 -32.42
C GLU C 132 17.43 13.48 -32.46
N THR C 133 16.46 12.98 -33.22
CA THR C 133 15.21 13.68 -33.45
C THR C 133 14.37 13.69 -32.19
N LEU C 134 14.24 12.52 -31.56
CA LEU C 134 13.52 12.39 -30.30
C LEU C 134 14.15 13.26 -29.23
N ASN C 135 15.49 13.32 -29.21
CA ASN C 135 16.20 14.16 -28.25
C ASN C 135 15.85 15.64 -28.44
N ASN C 136 15.98 16.11 -29.67
CA ASN C 136 15.70 17.51 -29.99
C ASN C 136 14.26 17.90 -29.79
N GLU C 137 13.34 16.97 -30.05
CA GLU C 137 11.93 17.26 -29.88
C GLU C 137 11.59 17.43 -28.37
N ALA C 138 12.14 16.54 -27.53
CA ALA C 138 12.01 16.69 -26.07
C ALA C 138 12.52 18.03 -25.55
N LEU C 139 13.67 18.50 -26.06
CA LEU C 139 14.23 19.80 -25.65
C LEU C 139 13.30 20.96 -25.94
N LYS C 140 12.77 21.00 -27.15
CA LYS C 140 11.80 22.04 -27.54
C LYS C 140 10.55 22.00 -26.67
N LEU C 141 10.04 20.79 -26.48
CA LEU C 141 8.86 20.57 -25.69
C LEU C 141 9.07 20.97 -24.22
N TYR C 142 10.22 20.62 -23.65
CA TYR C 142 10.59 21.06 -22.30
C TYR C 142 10.56 22.57 -22.12
N SER C 143 11.21 23.30 -23.02
CA SER C 143 11.30 24.77 -22.91
C SER C 143 9.95 25.43 -23.00
N CYS C 144 9.12 24.91 -23.89
CA CYS C 144 7.77 25.41 -24.10
C CYS C 144 6.85 25.11 -22.91
N ALA C 145 6.91 23.88 -22.40
CA ALA C 145 6.15 23.45 -21.22
C ALA C 145 6.50 24.28 -20.00
N LYS C 146 7.81 24.42 -19.77
CA LYS C 146 8.33 25.20 -18.66
C LYS C 146 7.84 26.64 -18.70
N ALA C 147 7.91 27.25 -19.88
CA ALA C 147 7.48 28.62 -20.07
C ALA C 147 5.99 28.80 -19.87
N GLY C 148 5.21 27.87 -20.41
CA GLY C 148 3.76 27.85 -20.24
C GLY C 148 3.32 27.74 -18.79
N ILE C 149 3.94 26.84 -18.02
CA ILE C 149 3.63 26.73 -16.59
C ILE C 149 3.98 28.04 -15.88
N CYS C 150 5.15 28.59 -16.20
CA CYS C 150 5.58 29.88 -15.68
C CYS C 150 4.53 30.96 -15.89
N ARG C 151 4.07 31.03 -17.14
CA ARG C 151 3.16 32.06 -17.59
C ARG C 151 1.83 31.99 -16.87
N TRP C 152 1.28 30.78 -16.81
CA TRP C 152 0.00 30.56 -16.15
C TRP C 152 0.07 30.76 -14.63
N MSE C 153 1.19 30.40 -14.00
CA MSE C 153 1.44 30.78 -12.61
C MSE C 153 1.50 32.28 -12.48
O MSE C 153 0.91 32.85 -11.57
CB MSE C 153 2.72 30.16 -12.05
CG MSE C 153 2.93 30.46 -10.55
SE MSE C 153 1.61 29.54 -9.42
CE MSE C 153 0.74 31.08 -8.58
N ALA C 154 2.22 32.95 -13.39
CA ALA C 154 2.27 34.41 -13.37
C ALA C 154 0.88 35.05 -13.53
N PHE C 155 0.04 34.49 -14.42
CA PHE C 155 -1.34 34.98 -14.58
C PHE C 155 -2.08 34.93 -13.27
N HIS C 156 -1.96 33.80 -12.55
CA HIS C 156 -2.59 33.65 -11.26
C HIS C 156 -2.16 34.75 -10.28
N PHE C 157 -0.86 34.94 -10.15
CA PHE C 157 -0.30 36.02 -9.32
C PHE C 157 -0.91 37.38 -9.67
N LEU C 158 -0.92 37.68 -10.97
CA LEU C 158 -1.42 38.97 -11.46
C LEU C 158 -2.89 39.24 -11.12
N GLU C 159 -3.68 38.19 -10.97
CA GLU C 159 -5.10 38.32 -10.63
C GLU C 159 -5.39 38.33 -9.14
N GLN C 160 -4.39 38.06 -8.30
CA GLN C 160 -4.57 38.21 -6.87
C GLN C 160 -4.59 39.70 -6.51
N GLU C 161 -5.22 39.99 -5.38
CA GLU C 161 -5.66 41.34 -5.06
C GLU C 161 -5.73 41.49 -3.53
N PRO C 162 -4.63 41.97 -2.90
CA PRO C 162 -3.39 42.50 -3.47
C PRO C 162 -2.44 41.43 -4.03
N ILE C 163 -1.48 41.89 -4.82
CA ILE C 163 -0.45 41.01 -5.37
C ILE C 163 0.58 40.68 -4.30
N ASP C 164 0.95 39.40 -4.23
CA ASP C 164 2.03 38.92 -3.38
C ASP C 164 3.38 39.18 -4.09
N HIS C 165 3.84 40.42 -4.03
CA HIS C 165 5.05 40.89 -4.76
C HIS C 165 6.35 40.17 -4.41
N ILE C 166 6.51 39.74 -3.16
CA ILE C 166 7.71 39.03 -2.73
C ILE C 166 7.78 37.67 -3.44
N ASN C 167 6.74 36.86 -3.24
CA ASN C 167 6.66 35.53 -3.88
C ASN C 167 6.58 35.61 -5.41
N PHE C 168 5.87 36.61 -5.94
CA PHE C 168 5.79 36.83 -7.38
C PHE C 168 7.17 37.07 -7.99
N THR C 169 7.94 38.01 -7.42
CA THR C 169 9.30 38.31 -7.89
C THR C 169 10.23 37.10 -7.73
N LYS C 170 10.16 36.47 -6.57
CA LYS C 170 10.88 35.24 -6.30
C LYS C 170 10.60 34.17 -7.38
N PHE C 171 9.32 33.96 -7.72
CA PHE C 171 8.95 32.95 -8.72
C PHE C 171 9.61 33.20 -10.07
N LEU C 172 9.59 34.46 -10.52
CA LEU C 172 10.15 34.84 -11.83
C LEU C 172 11.67 34.72 -11.88
N GLN C 173 12.36 35.06 -10.79
CA GLN C 173 13.81 34.86 -10.69
C GLN C 173 14.17 33.38 -10.85
N ASP C 174 13.52 32.55 -10.05
CA ASP C 174 13.78 31.10 -10.05
C ASP C 174 13.43 30.41 -11.37
N TRP C 175 12.31 30.79 -11.98
CA TRP C 175 11.80 30.08 -13.18
C TRP C 175 11.61 30.95 -14.43
N GLY C 176 12.15 32.18 -14.43
CA GLY C 176 12.14 33.05 -15.60
C GLY C 176 13.48 33.72 -15.90
N SER C 177 14.56 32.95 -15.79
CA SER C 177 15.92 33.42 -16.10
C SER C 177 16.19 33.36 -17.61
N HIS C 178 15.81 32.25 -18.24
CA HIS C 178 15.92 32.10 -19.70
C HIS C 178 15.03 33.08 -20.48
N ASN C 179 13.90 33.48 -19.89
CA ASN C 179 12.92 34.35 -20.54
C ASN C 179 12.96 35.81 -20.02
N GLU C 180 14.11 36.28 -19.55
CA GLU C 180 14.25 37.64 -18.92
C GLU C 180 13.59 38.81 -19.68
N LYS C 181 13.45 38.69 -21.00
CA LYS C 181 12.74 39.68 -21.83
C LYS C 181 11.23 39.82 -21.50
N GLU C 182 10.50 38.70 -21.48
CA GLU C 182 9.07 38.70 -21.12
C GLU C 182 8.80 39.14 -19.68
N MSE C 183 9.68 38.75 -18.76
CA MSE C 183 9.42 38.89 -17.32
C MSE C 183 9.61 40.32 -16.81
O MSE C 183 9.17 40.64 -15.70
CB MSE C 183 10.31 37.93 -16.49
CG MSE C 183 10.29 36.46 -16.93
SE MSE C 183 8.54 35.54 -16.81
CE MSE C 183 8.93 33.90 -17.84
N GLU C 184 10.27 41.18 -17.60
CA GLU C 184 10.33 42.62 -17.32
C GLU C 184 8.95 43.28 -17.43
N ALA C 185 8.18 42.87 -18.44
CA ALA C 185 6.84 43.42 -18.71
C ALA C 185 5.81 43.09 -17.63
N LEU C 186 5.85 41.84 -17.16
CA LEU C 186 4.94 41.37 -16.10
C LEU C 186 5.17 42.12 -14.79
N GLN C 187 6.43 42.38 -14.45
CA GLN C 187 6.77 43.12 -13.23
C GLN C 187 6.28 44.58 -13.31
N ARG C 188 6.34 45.18 -14.49
CA ARG C 188 5.76 46.52 -14.69
C ARG C 188 4.22 46.44 -14.62
N LEU C 189 3.65 45.46 -15.32
CA LEU C 189 2.21 45.19 -15.29
C LEU C 189 1.65 44.98 -13.89
N SER C 190 2.43 44.37 -13.00
CA SER C 190 1.99 44.12 -11.62
C SER C 190 1.79 45.40 -10.80
N LYS C 191 2.43 46.49 -11.21
CA LYS C 191 2.21 47.79 -10.55
C LYS C 191 0.92 48.48 -10.97
N HIS C 192 0.39 48.17 -12.15
CA HIS C 192 -0.91 48.72 -12.59
C HIS C 192 -2.07 48.08 -11.84
N LYS C 193 -3.25 48.69 -11.96
CA LYS C 193 -4.43 48.28 -11.18
C LYS C 193 -5.07 47.01 -11.74
N ILE C 194 -5.94 46.41 -10.92
CA ILE C 194 -6.53 45.10 -11.20
C ILE C 194 -7.22 44.95 -12.57
N ARG C 195 -7.93 45.99 -13.03
CA ARG C 195 -8.66 45.91 -14.31
C ARG C 195 -7.70 45.70 -15.47
N LYS C 196 -6.65 46.51 -15.50
CA LYS C 196 -5.59 46.36 -16.50
C LYS C 196 -4.93 44.98 -16.52
N ARG C 197 -4.64 44.44 -15.33
CA ARG C 197 -4.08 43.11 -15.20
C ARG C 197 -5.05 42.03 -15.68
N LEU C 198 -6.32 42.15 -15.29
CA LEU C 198 -7.37 41.24 -15.77
C LEU C 198 -7.55 41.29 -17.30
N ILE C 199 -7.51 42.48 -17.89
CA ILE C 199 -7.62 42.63 -19.35
C ILE C 199 -6.47 41.90 -20.04
N TYR C 200 -5.25 42.18 -19.59
CA TYR C 200 -4.05 41.53 -20.11
C TYR C 200 -4.18 40.01 -20.06
N VAL C 201 -4.48 39.48 -18.87
CA VAL C 201 -4.56 38.04 -18.69
C VAL C 201 -5.63 37.44 -19.59
N SER C 202 -6.82 38.05 -19.56
CA SER C 202 -7.94 37.63 -20.43
C SER C 202 -7.52 37.48 -21.87
N GLN C 203 -6.83 38.50 -22.39
CA GLN C 203 -6.43 38.52 -23.79
C GLN C 203 -5.33 37.51 -24.09
N HIS C 204 -4.36 37.39 -23.19
CA HIS C 204 -3.27 36.44 -23.39
C HIS C 204 -3.70 34.98 -23.23
N LYS C 205 -4.74 34.71 -22.42
CA LYS C 205 -5.33 33.37 -22.31
C LYS C 205 -6.11 32.96 -23.55
N LYS C 206 -6.87 33.89 -24.14
CA LYS C 206 -7.63 33.60 -25.38
C LYS C 206 -6.70 33.25 -26.53
N LYS C 207 -5.58 33.97 -26.61
CA LYS C 207 -4.58 33.81 -27.65
C LYS C 207 -3.85 32.46 -27.56
N MSE C 208 -3.39 32.11 -26.36
CA MSE C 208 -2.72 30.84 -26.07
C MSE C 208 -3.38 30.18 -24.87
O MSE C 208 -2.95 30.38 -23.73
CB MSE C 208 -1.24 31.14 -25.81
CG MSE C 208 -0.38 31.10 -27.07
SE MSE C 208 -0.06 29.21 -27.53
CE MSE C 208 1.85 28.93 -27.13
N PRO C 209 -4.46 29.42 -25.10
CA PRO C 209 -5.16 28.78 -23.98
C PRO C 209 -4.44 27.57 -23.39
N TRP C 210 -4.87 27.18 -22.18
CA TRP C 210 -4.23 26.09 -21.46
C TRP C 210 -4.16 24.77 -22.25
N SER C 211 -5.18 24.48 -23.05
CA SER C 211 -5.19 23.27 -23.88
C SER C 211 -3.95 23.09 -24.77
N LYS C 212 -3.34 24.21 -25.19
CA LYS C 212 -2.08 24.17 -25.94
C LYS C 212 -0.95 23.63 -25.06
N PHE C 213 -0.92 24.07 -23.79
CA PHE C 213 0.11 23.59 -22.87
C PHE C 213 -0.18 22.20 -22.32
N ASN C 214 -1.46 21.83 -22.21
CA ASN C 214 -1.78 20.42 -21.95
C ASN C 214 -1.16 19.54 -23.02
N SER C 215 -1.32 19.92 -24.27
CA SER C 215 -0.75 19.18 -25.41
C SER C 215 0.78 19.14 -25.38
N VAL C 216 1.42 20.27 -25.11
CA VAL C 216 2.88 20.35 -25.00
C VAL C 216 3.41 19.46 -23.86
N LEU C 217 2.89 19.60 -22.64
CA LEU C 217 3.28 18.73 -21.53
C LEU C 217 3.06 17.24 -21.82
N SER C 218 1.86 16.92 -22.32
CA SER C 218 1.53 15.55 -22.63
C SER C 218 2.55 14.96 -23.61
N ARG C 219 2.90 15.73 -24.64
CA ARG C 219 3.85 15.27 -25.63
C ARG C 219 5.26 15.21 -25.07
N TYR C 220 5.62 16.18 -24.24
CA TYR C 220 6.92 16.11 -23.57
C TYR C 220 7.05 14.79 -22.81
N ILE C 221 6.11 14.56 -21.92
CA ILE C 221 6.10 13.39 -21.06
C ILE C 221 6.10 12.10 -21.88
N GLN C 222 5.25 12.02 -22.91
CA GLN C 222 5.15 10.78 -23.73
C GLN C 222 6.40 10.56 -24.59
N CYS C 223 6.98 11.65 -25.09
CA CYS C 223 8.23 11.60 -25.85
C CYS C 223 9.37 11.11 -24.97
N THR C 224 9.46 11.69 -23.77
CA THR C 224 10.45 11.28 -22.76
C THR C 224 10.32 9.81 -22.38
N LYS C 225 9.10 9.37 -22.08
CA LYS C 225 8.90 7.95 -21.76
C LYS C 225 9.42 7.06 -22.87
N LEU C 226 9.15 7.39 -24.13
CA LEU C 226 9.61 6.58 -25.28
C LEU C 226 11.15 6.51 -25.36
N GLN C 227 11.80 7.68 -25.34
CA GLN C 227 13.28 7.76 -25.29
C GLN C 227 13.85 6.90 -24.21
N LEU C 228 13.41 7.12 -22.98
CA LEU C 228 13.87 6.37 -21.83
C LEU C 228 13.66 4.86 -22.00
N GLU C 229 12.54 4.46 -22.60
CA GLU C 229 12.26 3.04 -22.81
C GLU C 229 13.21 2.41 -23.84
N VAL C 230 13.26 3.01 -25.03
CA VAL C 230 13.95 2.44 -26.18
C VAL C 230 15.47 2.47 -25.98
N PHE C 231 16.00 3.59 -25.47
CA PHE C 231 17.44 3.84 -25.41
C PHE C 231 18.09 3.60 -24.05
N CYS C 232 17.37 3.88 -22.96
CA CYS C 232 17.97 3.97 -21.63
C CYS C 232 17.46 2.89 -20.65
N ASP C 233 16.81 1.86 -21.19
CA ASP C 233 16.47 0.63 -20.45
C ASP C 233 15.40 0.77 -19.34
N TYR C 234 14.48 1.71 -19.50
CA TYR C 234 13.31 1.83 -18.62
C TYR C 234 12.17 1.07 -19.26
N ASP C 235 11.12 0.79 -18.49
CA ASP C 235 9.86 0.31 -19.04
C ASP C 235 8.78 1.31 -18.65
N PHE C 236 8.26 2.02 -19.65
CA PHE C 236 7.18 2.98 -19.46
C PHE C 236 5.95 2.60 -20.30
N LYS C 237 5.82 1.29 -20.56
CA LYS C 237 4.65 0.72 -21.24
C LYS C 237 4.37 1.32 -22.62
N GLN C 238 5.44 1.64 -23.35
CA GLN C 238 5.33 2.21 -24.68
C GLN C 238 5.52 1.19 -25.81
N ARG C 239 5.49 -0.11 -25.49
CA ARG C 239 5.61 -1.20 -26.47
C ARG C 239 4.84 -0.96 -27.78
N GLU C 240 3.61 -0.45 -27.69
CA GLU C 240 2.77 -0.21 -28.88
C GLU C 240 3.27 0.93 -29.77
N ILE C 241 3.87 1.95 -29.15
CA ILE C 241 4.46 3.06 -29.88
C ILE C 241 5.76 2.58 -30.55
N VAL C 242 6.52 1.75 -29.84
CA VAL C 242 7.75 1.16 -30.39
C VAL C 242 7.45 0.17 -31.52
N LYS C 243 6.33 -0.56 -31.40
CA LYS C 243 5.90 -1.52 -32.43
C LYS C 243 5.49 -0.81 -33.71
N MSE C 244 4.77 0.30 -33.57
CA MSE C 244 4.40 1.17 -34.71
C MSE C 244 5.63 1.82 -35.34
O MSE C 244 5.69 1.92 -36.57
CB MSE C 244 3.38 2.19 -34.22
CG MSE C 244 2.86 3.12 -35.32
SE MSE C 244 3.71 4.90 -35.15
CE MSE C 244 2.08 5.90 -35.57
N LEU C 245 6.59 2.24 -34.53
CA LEU C 245 7.87 2.79 -35.06
C LEU C 245 8.76 1.79 -35.80
N THR C 246 8.52 0.50 -35.65
CA THR C 246 9.15 -0.53 -36.49
C THR C 246 8.39 -0.62 -37.84
N SER C 247 7.22 -1.28 -37.85
CA SER C 247 6.29 -1.21 -39.00
C SER C 247 4.91 -1.76 -38.62
N GLU D 1 24.72 10.47 11.11
CA GLU D 1 24.55 11.56 12.12
C GLU D 1 24.76 13.01 11.63
N ALA D 2 25.07 13.19 10.34
CA ALA D 2 25.10 14.53 9.75
C ALA D 2 23.74 15.23 9.86
N CYS D 3 22.65 14.50 9.62
CA CYS D 3 21.33 15.11 9.46
C CYS D 3 20.60 15.24 10.78
N GLU D 4 20.38 16.48 11.19
CA GLU D 4 19.66 16.78 12.42
C GLU D 4 18.18 16.38 12.35
N MSE D 5 17.60 16.43 11.15
CA MSE D 5 16.20 16.00 10.97
C MSE D 5 16.08 14.51 11.14
O MSE D 5 15.11 14.04 11.75
CB MSE D 5 15.67 16.44 9.60
CG MSE D 5 15.61 17.95 9.40
SE MSE D 5 14.24 18.72 10.58
CE MSE D 5 12.78 19.03 9.28
N CYS D 6 17.04 13.75 10.64
CA CYS D 6 17.10 12.31 10.88
C CYS D 6 17.35 12.00 12.38
N ARG D 7 18.18 12.80 13.05
CA ARG D 7 18.46 12.59 14.48
C ARG D 7 17.21 12.77 15.33
N LEU D 8 16.43 13.81 15.06
CA LEU D 8 15.15 14.06 15.76
C LEU D 8 13.97 13.21 15.26
N GLY D 9 14.15 12.42 14.20
CA GLY D 9 13.09 11.58 13.66
C GLY D 9 11.94 12.31 12.97
N LEU D 10 12.17 13.56 12.56
CA LEU D 10 11.15 14.38 11.91
C LEU D 10 11.13 14.09 10.39
N PRO D 11 9.94 14.21 9.77
CA PRO D 11 9.83 13.87 8.35
C PRO D 11 10.41 14.95 7.45
N HIS D 12 11.15 14.53 6.43
CA HIS D 12 11.81 15.45 5.50
C HIS D 12 12.28 14.71 4.25
N GLY D 13 12.69 15.49 3.26
CA GLY D 13 13.19 14.96 2.00
C GLY D 13 12.13 14.86 0.92
N SER D 14 12.52 14.33 -0.23
CA SER D 14 11.70 14.36 -1.46
C SER D 14 10.36 13.66 -1.36
N PHE D 15 10.37 12.45 -0.79
CA PHE D 15 9.15 11.68 -0.64
C PHE D 15 8.12 12.36 0.29
N PHE D 16 8.62 13.09 1.29
CA PHE D 16 7.76 13.86 2.19
C PHE D 16 7.13 15.06 1.48
N GLU D 17 7.93 15.79 0.69
CA GLU D 17 7.43 16.95 -0.05
C GLU D 17 6.45 16.52 -1.15
N LEU D 18 6.74 15.40 -1.80
CA LEU D 18 5.80 14.80 -2.75
C LEU D 18 4.45 14.52 -2.12
N LEU D 19 4.47 13.90 -0.94
CA LEU D 19 3.26 13.60 -0.18
C LEU D 19 2.44 14.85 0.06
N ARG D 20 3.07 15.88 0.63
CA ARG D 20 2.35 17.13 0.92
C ARG D 20 1.75 17.73 -0.33
N ASP D 21 2.53 17.77 -1.42
CA ASP D 21 2.06 18.34 -2.70
C ASP D 21 0.91 17.51 -3.26
N TRP D 22 1.08 16.18 -3.23
CA TRP D 22 0.02 15.28 -3.66
C TRP D 22 -1.27 15.52 -2.87
N LYS D 23 -1.15 15.68 -1.56
CA LYS D 23 -2.31 15.94 -0.69
C LYS D 23 -2.99 17.27 -1.04
N LYS D 24 -2.21 18.31 -1.29
CA LYS D 24 -2.74 19.62 -1.70
C LYS D 24 -3.65 19.58 -2.93
N ILE D 25 -3.25 18.78 -3.92
CA ILE D 25 -4.02 18.63 -5.16
C ILE D 25 -5.32 17.84 -4.92
N GLU D 26 -5.24 16.75 -4.15
CA GLU D 26 -6.45 15.99 -3.75
C GLU D 26 -7.46 16.87 -3.01
N GLU D 27 -6.98 17.59 -2.01
CA GLU D 27 -7.79 18.55 -1.27
C GLU D 27 -8.54 19.46 -2.24
N PHE D 28 -7.79 20.07 -3.16
CA PHE D 28 -8.30 21.02 -4.12
C PHE D 28 -9.38 20.44 -5.04
N ARG D 29 -9.23 19.17 -5.43
CA ARG D 29 -10.18 18.52 -6.34
C ARG D 29 -11.40 17.86 -5.70
N ASN D 30 -11.38 17.65 -4.38
CA ASN D 30 -12.58 17.19 -3.64
C ASN D 30 -13.52 18.35 -3.33
N LYS D 31 -12.95 19.45 -2.83
CA LYS D 31 -13.66 20.71 -2.65
C LYS D 31 -14.31 21.19 -3.96
N SER D 32 -13.52 21.19 -5.04
CA SER D 32 -13.92 21.64 -6.38
C SER D 32 -14.75 20.59 -7.12
S SO4 E . -15.39 -0.85 3.68
O1 SO4 E . -15.00 -2.27 3.50
O2 SO4 E . -14.25 -0.07 4.18
O3 SO4 E . -16.51 -0.76 4.65
O4 SO4 E . -15.85 -0.30 2.38
S SO4 F . -29.75 -19.18 29.88
O1 SO4 F . -28.67 -18.23 30.22
O2 SO4 F . -29.36 -19.95 28.68
O3 SO4 F . -30.99 -18.42 29.61
O4 SO4 F . -29.97 -20.10 31.02
S SO4 G . -29.11 -25.15 38.09
O1 SO4 G . -28.12 -24.09 37.77
O2 SO4 G . -28.48 -26.13 39.01
O3 SO4 G . -30.29 -24.53 38.72
O4 SO4 G . -29.53 -25.84 36.85
ZN ZN H . -16.02 -15.52 -8.45
S SO4 I . -16.63 -5.38 5.12
O1 SO4 I . -15.61 -5.68 4.09
O2 SO4 I . -16.03 -5.50 6.47
O3 SO4 I . -17.13 -4.01 4.90
O4 SO4 I . -17.77 -6.34 5.00
S SO4 J . -3.09 45.47 -5.74
O1 SO4 J . -2.93 46.60 -6.68
O2 SO4 J . -1.78 44.80 -5.53
O3 SO4 J . -3.59 45.99 -4.44
O4 SO4 J . -4.08 44.51 -6.27
S SO4 K . -3.42 52.20 -14.12
O1 SO4 K . -2.52 53.19 -14.77
O2 SO4 K . -2.68 51.56 -13.00
O3 SO4 K . -4.62 52.85 -13.56
O4 SO4 K . -3.81 51.20 -15.12
S SO4 L . -1.95 13.23 8.13
O1 SO4 L . -0.73 13.16 7.29
O2 SO4 L . -1.58 13.43 9.55
O3 SO4 L . -2.80 14.37 7.69
O4 SO4 L . -2.72 11.97 8.00
S SO4 M . 11.28 -4.81 12.09
O1 SO4 M . 11.50 -3.84 10.98
O2 SO4 M . 12.28 -4.55 13.14
O3 SO4 M . 9.92 -4.63 12.65
O4 SO4 M . 11.43 -6.19 11.58
S SO4 N . -7.09 25.65 -16.41
O1 SO4 N . -7.10 25.28 -17.84
O2 SO4 N . -5.85 26.38 -16.08
O3 SO4 N . -8.25 26.51 -16.13
O4 SO4 N . -7.19 24.41 -15.60
S SO4 O . -5.64 0.03 -16.31
O1 SO4 O . -5.61 1.49 -16.09
O2 SO4 O . -4.30 -0.54 -16.03
O3 SO4 O . -5.98 -0.27 -17.71
O4 SO4 O . -6.67 -0.60 -15.44
ZN ZN P . 17.85 13.44 7.19
#